data_6F4U
#
_entry.id   6F4U
#
_cell.length_a   113.510
_cell.length_b   113.510
_cell.length_c   76.172
_cell.angle_alpha   90.00
_cell.angle_beta   90.00
_cell.angle_gamma   120.00
#
_symmetry.space_group_name_H-M   'P 61'
#
loop_
_entity.id
_entity.type
_entity.pdbx_description
1 polymer Kallistatin
2 polymer Kallistatin
3 non-polymer 1,2-ETHANEDIOL
4 non-polymer GLYCEROL
5 non-polymer 'CHLORIDE ION'
6 non-polymer 'SODIUM ION'
7 water water
#
loop_
_entity_poly.entity_id
_entity_poly.type
_entity_poly.pdbx_seq_one_letter_code
_entity_poly.pdbx_strand_id
1 'polypeptide(L)'
;GSLKIAPANADFAFRFYYLIASETPGKNIFFSPLSISAAYAMLSLGACSHSRSQILEGLGFNLTELSESDVHRGFQHLLH
TLNLPGHGLETRVGSALFLSHNLKFLAKFLNDTMAVYEAKLFHTNFYDTVGTIQLINDHVKKETRGKIVDLVSELKKDVL
MVLVNYIYFKALWEKPFISSRTTPKDFYVDENTTVRVPMMLQDQEHHWYLHDRYLPCSVLRMDYKGDATVFFILPNQGKM
REIEEVLTPEMLMRWNNLLRKRNFYKKLELHLPKFSISGSYVLDQILPRLGFTDLFSKWADLSGITKQQKLEASKSFHKA
TLDVDEAGTEAAAATSFAIKF
;
A
2 'polypeptide(L)' FSAQTNRHILRFNRPFLVVIFSTSTQSVLFLGKVVDPTKP D
#
loop_
_chem_comp.id
_chem_comp.type
_chem_comp.name
_chem_comp.formula
CL non-polymer 'CHLORIDE ION' 'Cl -1'
EDO non-polymer 1,2-ETHANEDIOL 'C2 H6 O2'
GOL non-polymer GLYCEROL 'C3 H8 O3'
NA non-polymer 'SODIUM ION' 'Na 1'
#
# COMPACT_ATOMS: atom_id res chain seq x y z
N SER A 2 10.27 -13.50 -7.12
CA SER A 2 9.99 -12.10 -6.64
C SER A 2 10.81 -11.65 -5.43
N LEU A 3 11.65 -12.55 -4.89
CA LEU A 3 12.43 -12.20 -3.70
C LEU A 3 13.56 -11.20 -3.96
N LYS A 4 14.04 -11.10 -5.21
CA LYS A 4 15.06 -10.09 -5.53
C LYS A 4 14.58 -8.65 -5.34
N ILE A 5 13.28 -8.40 -5.54
CA ILE A 5 12.74 -7.03 -5.39
C ILE A 5 12.21 -6.73 -3.99
N ALA A 6 12.19 -7.73 -3.11
CA ALA A 6 11.57 -7.58 -1.80
C ALA A 6 12.28 -6.52 -0.95
N PRO A 7 13.64 -6.47 -0.95
CA PRO A 7 14.31 -5.43 -0.14
C PRO A 7 13.96 -3.99 -0.58
N ALA A 8 13.99 -3.73 -1.88
CA ALA A 8 13.64 -2.38 -2.40
C ALA A 8 12.18 -2.01 -2.10
N ASN A 9 11.26 -2.93 -2.35
CA ASN A 9 9.85 -2.64 -2.07
C ASN A 9 9.62 -2.30 -0.58
N ALA A 10 10.24 -3.02 0.34
CA ALA A 10 10.08 -2.76 1.77
C ALA A 10 10.75 -1.42 2.15
N ASP A 11 11.90 -1.13 1.57
CA ASP A 11 12.60 0.16 1.75
C ASP A 11 11.69 1.29 1.35
N PHE A 12 11.10 1.21 0.16
CA PHE A 12 10.17 2.25 -0.28
C PHE A 12 8.99 2.37 0.67
N ALA A 13 8.41 1.24 1.08
CA ALA A 13 7.27 1.26 2.01
C ALA A 13 7.49 2.09 3.27
N PHE A 14 8.62 1.84 3.93
CA PHE A 14 8.93 2.53 5.16
C PHE A 14 9.42 3.97 4.99
N ARG A 15 10.06 4.27 3.84
CA ARG A 15 10.41 5.65 3.48
C ARG A 15 9.16 6.49 3.31
N PHE A 16 8.16 5.92 2.59
CA PHE A 16 6.92 6.63 2.34
C PHE A 16 6.20 6.87 3.66
N TYR A 17 6.05 5.81 4.46
CA TYR A 17 5.42 5.93 5.79
C TYR A 17 6.08 7.06 6.63
N TYR A 18 7.39 7.00 6.74
CA TYR A 18 8.12 7.94 7.59
C TYR A 18 7.88 9.41 7.13
N LEU A 19 7.88 9.65 5.83
CA LEU A 19 7.60 11.00 5.31
C LEU A 19 6.18 11.46 5.69
N ILE A 20 5.18 10.60 5.51
CA ILE A 20 3.81 10.99 5.87
C ILE A 20 3.70 11.26 7.35
N ALA A 21 4.30 10.39 8.15
CA ALA A 21 4.19 10.49 9.61
C ALA A 21 4.91 11.71 10.17
N SER A 22 5.99 12.07 9.51
CA SER A 22 6.76 13.25 9.90
CA SER A 22 6.79 13.25 9.84
C SER A 22 6.08 14.55 9.42
N GLU A 23 5.50 14.55 8.22
CA GLU A 23 4.86 15.75 7.68
C GLU A 23 3.47 16.01 8.22
N THR A 24 2.69 14.95 8.48
CA THR A 24 1.34 15.09 9.07
C THR A 24 1.22 14.23 10.32
N PRO A 25 1.85 14.67 11.44
CA PRO A 25 1.76 13.87 12.66
C PRO A 25 0.33 13.92 13.24
N GLY A 26 -0.02 12.93 14.05
CA GLY A 26 -1.33 12.88 14.73
C GLY A 26 -2.52 12.55 13.85
N LYS A 27 -2.27 11.96 12.68
CA LYS A 27 -3.30 11.67 11.70
C LYS A 27 -3.24 10.18 11.34
N ASN A 28 -4.40 9.61 11.12
CA ASN A 28 -4.50 8.26 10.55
C ASN A 28 -3.71 8.22 9.24
N ILE A 29 -3.02 7.11 9.06
CA ILE A 29 -2.26 6.86 7.84
C ILE A 29 -2.68 5.48 7.31
N PHE A 30 -2.93 5.38 6.01
CA PHE A 30 -3.11 4.08 5.40
C PHE A 30 -2.84 4.10 3.90
N PHE A 31 -1.93 3.23 3.44
CA PHE A 31 -1.60 3.16 2.02
C PHE A 31 -1.12 1.76 1.66
N SER A 32 -1.14 1.46 0.37
CA SER A 32 -0.50 0.28 -0.14
C SER A 32 0.83 0.63 -0.82
N PRO A 33 1.96 0.29 -0.18
CA PRO A 33 3.24 0.57 -0.82
C PRO A 33 3.41 -0.25 -2.11
N LEU A 34 2.90 -1.48 -2.11
CA LEU A 34 3.02 -2.37 -3.27
C LEU A 34 2.31 -1.77 -4.48
N SER A 35 1.12 -1.23 -4.27
CA SER A 35 0.38 -0.58 -5.38
C SER A 35 1.18 0.59 -5.95
N ILE A 36 1.74 1.40 -5.07
CA ILE A 36 2.54 2.55 -5.56
C ILE A 36 3.77 2.07 -6.35
N SER A 37 4.52 1.13 -5.77
CA SER A 37 5.71 0.56 -6.37
C SER A 37 5.43 -0.05 -7.76
N ALA A 38 4.38 -0.87 -7.84
CA ALA A 38 4.03 -1.52 -9.11
C ALA A 38 3.55 -0.52 -10.15
N ALA A 39 2.83 0.51 -9.73
CA ALA A 39 2.39 1.55 -10.68
C ALA A 39 3.59 2.30 -11.30
N TYR A 40 4.51 2.69 -10.45
CA TYR A 40 5.64 3.49 -10.88
C TYR A 40 6.65 2.64 -11.66
N ALA A 41 6.80 1.38 -11.27
CA ALA A 41 7.65 0.47 -12.03
C ALA A 41 7.07 0.24 -13.43
N MET A 42 5.76 0.04 -13.52
CA MET A 42 5.10 -0.06 -14.80
C MET A 42 5.31 1.21 -15.66
N LEU A 43 5.06 2.38 -15.06
CA LEU A 43 5.32 3.67 -15.73
C LEU A 43 6.72 3.75 -16.31
N SER A 44 7.70 3.24 -15.55
CA SER A 44 9.08 3.32 -15.97
C SER A 44 9.37 2.60 -17.26
N LEU A 45 8.54 1.63 -17.66
CA LEU A 45 8.67 1.01 -18.99
C LEU A 45 8.57 2.03 -20.14
N GLY A 46 7.86 3.13 -19.92
CA GLY A 46 7.75 4.22 -20.89
C GLY A 46 8.74 5.37 -20.77
N ALA A 47 9.56 5.32 -19.72
CA ALA A 47 10.56 6.31 -19.47
C ALA A 47 11.84 5.88 -20.19
N CYS A 48 12.66 6.86 -20.55
CA CYS A 48 13.95 6.57 -21.20
C CYS A 48 15.10 7.20 -20.43
N SER A 49 16.29 6.64 -20.70
CA SER A 49 17.54 7.24 -20.31
C SER A 49 17.61 7.43 -18.77
N HIS A 50 18.09 8.58 -18.29
CA HIS A 50 18.17 8.88 -16.87
C HIS A 50 16.82 8.76 -16.12
N SER A 51 15.72 9.10 -16.80
CA SER A 51 14.41 9.14 -16.13
C SER A 51 14.00 7.74 -15.70
N ARG A 52 14.31 6.76 -16.53
CA ARG A 52 14.01 5.36 -16.25
C ARG A 52 14.73 4.86 -15.00
N SER A 53 16.04 5.05 -14.96
CA SER A 53 16.87 4.67 -13.81
CA SER A 53 16.84 4.63 -13.81
C SER A 53 16.45 5.40 -12.54
N GLN A 54 16.17 6.68 -12.67
CA GLN A 54 15.77 7.48 -11.52
C GLN A 54 14.44 7.06 -10.90
N ILE A 55 13.47 6.65 -11.71
CA ILE A 55 12.22 6.11 -11.12
C ILE A 55 12.53 4.86 -10.31
N LEU A 56 13.33 3.95 -10.87
CA LEU A 56 13.63 2.69 -10.19
C LEU A 56 14.45 2.95 -8.93
N GLU A 57 15.37 3.92 -8.99
CA GLU A 57 16.13 4.31 -7.80
C GLU A 57 15.30 4.89 -6.71
N GLY A 58 14.33 5.73 -7.06
CA GLY A 58 13.42 6.32 -6.07
C GLY A 58 12.60 5.23 -5.40
N LEU A 59 12.28 4.17 -6.15
CA LEU A 59 11.61 2.98 -5.61
C LEU A 59 12.50 2.08 -4.76
N GLY A 60 13.78 2.43 -4.63
CA GLY A 60 14.73 1.73 -3.78
C GLY A 60 15.58 0.69 -4.48
N PHE A 61 15.49 0.58 -5.79
CA PHE A 61 16.25 -0.45 -6.50
C PHE A 61 17.71 -0.03 -6.68
N ASN A 62 18.61 -0.95 -6.36
CA ASN A 62 20.05 -0.75 -6.55
C ASN A 62 20.39 -1.33 -7.90
N LEU A 63 20.61 -0.46 -8.86
CA LEU A 63 20.82 -0.89 -10.24
C LEU A 63 22.27 -1.29 -10.54
N THR A 64 23.16 -1.31 -9.54
CA THR A 64 24.45 -2.01 -9.68
C THR A 64 24.27 -3.47 -9.29
N GLU A 65 23.28 -3.77 -8.46
CA GLU A 65 23.01 -5.14 -8.03
C GLU A 65 21.92 -5.82 -8.86
N LEU A 66 20.96 -5.05 -9.35
CA LEU A 66 19.85 -5.62 -10.08
C LEU A 66 19.75 -5.01 -11.44
N SER A 67 19.47 -5.84 -12.42
CA SER A 67 19.20 -5.37 -13.75
C SER A 67 17.76 -4.90 -13.80
N GLU A 68 17.47 -4.09 -14.79
CA GLU A 68 16.11 -3.65 -15.02
C GLU A 68 15.20 -4.84 -15.32
N SER A 69 15.72 -5.81 -16.07
CA SER A 69 14.99 -7.06 -16.26
C SER A 69 14.64 -7.79 -14.95
N ASP A 70 15.59 -7.82 -14.00
CA ASP A 70 15.34 -8.45 -12.71
C ASP A 70 14.16 -7.75 -11.98
N VAL A 71 14.05 -6.43 -12.12
CA VAL A 71 12.98 -5.66 -11.44
C VAL A 71 11.62 -5.99 -12.05
N HIS A 72 11.52 -5.90 -13.38
CA HIS A 72 10.23 -6.12 -14.04
C HIS A 72 9.75 -7.57 -13.96
N ARG A 73 10.64 -8.52 -14.20
CA ARG A 73 10.30 -9.90 -14.02
C ARG A 73 9.99 -10.25 -12.55
N GLY A 74 10.68 -9.58 -11.61
CA GLY A 74 10.33 -9.68 -10.19
C GLY A 74 8.90 -9.26 -9.95
N PHE A 75 8.49 -8.12 -10.48
CA PHE A 75 7.09 -7.66 -10.33
C PHE A 75 6.14 -8.63 -11.01
N GLN A 76 6.51 -9.10 -12.21
CA GLN A 76 5.63 -10.04 -12.92
C GLN A 76 5.35 -11.26 -12.08
N HIS A 77 6.39 -11.83 -11.47
CA HIS A 77 6.22 -13.02 -10.61
CA HIS A 77 6.25 -13.01 -10.61
C HIS A 77 5.47 -12.69 -9.32
N LEU A 78 5.77 -11.54 -8.71
CA LEU A 78 5.07 -11.10 -7.47
C LEU A 78 3.59 -11.00 -7.72
N LEU A 79 3.21 -10.29 -8.78
CA LEU A 79 1.80 -10.07 -9.09
C LEU A 79 1.07 -11.36 -9.48
N HIS A 80 1.72 -12.20 -10.28
CA HIS A 80 1.18 -13.52 -10.62
C HIS A 80 0.90 -14.34 -9.36
N THR A 81 1.88 -14.40 -8.45
CA THR A 81 1.77 -15.14 -7.20
C THR A 81 0.59 -14.61 -6.35
N LEU A 82 0.48 -13.28 -6.19
CA LEU A 82 -0.65 -12.72 -5.43
C LEU A 82 -2.01 -13.05 -6.03
N ASN A 83 -2.09 -13.12 -7.34
CA ASN A 83 -3.35 -13.39 -8.01
C ASN A 83 -3.74 -14.87 -8.02
N LEU A 84 -2.89 -15.77 -7.55
CA LEU A 84 -3.19 -17.21 -7.57
C LEU A 84 -4.22 -17.56 -6.52
N PRO A 85 -5.12 -18.52 -6.83
CA PRO A 85 -6.00 -19.18 -5.84
C PRO A 85 -5.27 -19.87 -4.68
N GLY A 88 -9.48 -18.93 2.24
CA GLY A 88 -9.86 -17.82 3.11
C GLY A 88 -8.99 -16.58 2.94
N LEU A 89 -8.49 -16.38 1.70
CA LEU A 89 -7.76 -15.19 1.32
C LEU A 89 -8.01 -14.81 -0.13
N GLU A 90 -8.65 -13.65 -0.34
CA GLU A 90 -8.75 -13.04 -1.66
C GLU A 90 -7.72 -11.91 -1.75
N THR A 91 -6.81 -12.03 -2.71
CA THR A 91 -5.98 -10.96 -3.14
C THR A 91 -6.12 -10.83 -4.68
N ARG A 92 -6.34 -9.61 -5.15
CA ARG A 92 -6.30 -9.32 -6.57
C ARG A 92 -5.53 -8.05 -6.76
N VAL A 93 -4.62 -8.11 -7.73
CA VAL A 93 -3.83 -6.94 -8.13
CA VAL A 93 -3.82 -6.95 -8.14
C VAL A 93 -3.92 -6.84 -9.65
N GLY A 94 -4.21 -5.66 -10.16
CA GLY A 94 -4.34 -5.46 -11.58
C GLY A 94 -3.93 -4.06 -11.97
N SER A 95 -3.75 -3.89 -13.27
CA SER A 95 -3.29 -2.64 -13.85
C SER A 95 -4.11 -2.33 -15.06
N ALA A 96 -4.14 -1.05 -15.42
CA ALA A 96 -4.78 -0.63 -16.65
C ALA A 96 -4.18 0.66 -17.17
N LEU A 97 -4.25 0.81 -18.49
CA LEU A 97 -3.89 2.05 -19.13
C LEU A 97 -5.15 2.57 -19.84
N PHE A 98 -5.49 3.82 -19.57
CA PHE A 98 -6.55 4.52 -20.28
C PHE A 98 -5.89 5.42 -21.32
N LEU A 99 -6.05 5.07 -22.60
CA LEU A 99 -5.31 5.65 -23.70
C LEU A 99 -6.19 6.60 -24.51
N SER A 100 -5.64 7.73 -24.90
CA SER A 100 -6.33 8.67 -25.79
C SER A 100 -6.65 7.95 -27.12
N HIS A 101 -7.88 8.11 -27.62
CA HIS A 101 -8.24 7.64 -28.98
C HIS A 101 -7.39 8.28 -30.09
N ASN A 102 -6.90 9.50 -29.88
CA ASN A 102 -6.12 10.23 -30.89
C ASN A 102 -4.73 9.68 -31.11
N LEU A 103 -3.98 9.53 -30.01
CA LEU A 103 -2.53 9.44 -30.05
C LEU A 103 -2.04 8.07 -30.48
N LYS A 104 -0.87 8.05 -31.13
CA LYS A 104 -0.23 6.80 -31.56
C LYS A 104 0.77 6.40 -30.48
N PHE A 105 0.46 5.30 -29.80
CA PHE A 105 1.30 4.79 -28.71
C PHE A 105 2.31 3.79 -29.24
N LEU A 106 3.50 3.81 -28.64
CA LEU A 106 4.55 2.87 -29.02
C LEU A 106 4.12 1.49 -28.60
N ALA A 107 4.12 0.57 -29.56
CA ALA A 107 3.68 -0.80 -29.35
C ALA A 107 4.53 -1.53 -28.30
N LYS A 108 5.83 -1.23 -28.25
CA LYS A 108 6.70 -1.87 -27.28
C LYS A 108 6.25 -1.56 -25.85
N PHE A 109 5.97 -0.28 -25.59
CA PHE A 109 5.47 0.11 -24.26
C PHE A 109 4.18 -0.62 -23.95
N LEU A 110 3.21 -0.56 -24.86
CA LEU A 110 1.95 -1.23 -24.62
C LEU A 110 2.15 -2.73 -24.35
N ASN A 111 2.92 -3.38 -25.21
N ASN A 111 2.92 -3.41 -25.18
CA ASN A 111 3.27 -4.79 -25.10
CA ASN A 111 3.16 -4.85 -25.01
C ASN A 111 3.91 -5.15 -23.74
C ASN A 111 3.92 -5.18 -23.71
N ASP A 112 4.92 -4.38 -23.34
CA ASP A 112 5.59 -4.56 -22.02
C ASP A 112 4.61 -4.48 -20.82
N THR A 113 3.73 -3.49 -20.82
CA THR A 113 2.76 -3.35 -19.70
C THR A 113 1.78 -4.53 -19.61
N MET A 114 1.36 -5.05 -20.76
CA MET A 114 0.52 -6.24 -20.80
C MET A 114 1.28 -7.51 -20.37
N ALA A 115 2.49 -7.70 -20.86
CA ALA A 115 3.28 -8.89 -20.56
C ALA A 115 3.70 -8.93 -19.09
N VAL A 116 4.21 -7.80 -18.59
CA VAL A 116 4.77 -7.76 -17.25
C VAL A 116 3.72 -7.51 -16.17
N TYR A 117 2.84 -6.54 -16.39
CA TYR A 117 1.93 -6.06 -15.35
C TYR A 117 0.47 -6.50 -15.56
N GLU A 118 0.22 -7.31 -16.59
CA GLU A 118 -1.14 -7.78 -16.93
C GLU A 118 -2.06 -6.60 -17.24
N ALA A 119 -1.52 -5.49 -17.73
CA ALA A 119 -2.30 -4.29 -17.93
C ALA A 119 -3.44 -4.51 -18.95
N LYS A 120 -4.62 -4.01 -18.62
CA LYS A 120 -5.73 -3.91 -19.58
C LYS A 120 -5.69 -2.56 -20.26
N LEU A 121 -5.93 -2.53 -21.57
CA LEU A 121 -5.87 -1.28 -22.31
C LEU A 121 -7.28 -0.84 -22.61
N PHE A 122 -7.60 0.39 -22.26
CA PHE A 122 -8.89 0.99 -22.56
C PHE A 122 -8.66 2.27 -23.36
N HIS A 123 -9.58 2.58 -24.25
CA HIS A 123 -9.53 3.85 -24.97
C HIS A 123 -10.61 4.81 -24.40
N THR A 124 -10.25 6.09 -24.31
CA THR A 124 -11.19 7.12 -23.84
C THR A 124 -10.90 8.44 -24.52
N ASN A 125 -11.89 9.33 -24.51
CA ASN A 125 -11.77 10.68 -25.06
C ASN A 125 -11.46 11.66 -23.93
N PHE A 126 -10.21 12.08 -23.85
CA PHE A 126 -9.79 13.03 -22.82
C PHE A 126 -10.34 14.45 -23.01
N TYR A 127 -10.91 14.76 -24.19
CA TYR A 127 -11.72 16.00 -24.35
C TYR A 127 -12.92 15.96 -23.41
N ASP A 128 -13.48 14.77 -23.24
CA ASP A 128 -14.54 14.54 -22.25
C ASP A 128 -13.93 14.21 -20.86
N THR A 129 -13.50 15.25 -20.18
CA THR A 129 -12.95 15.14 -18.84
C THR A 129 -13.90 14.46 -17.85
N VAL A 130 -15.16 14.93 -17.82
CA VAL A 130 -16.15 14.37 -16.89
C VAL A 130 -16.41 12.89 -17.13
N GLY A 131 -16.61 12.52 -18.40
CA GLY A 131 -16.81 11.12 -18.77
C GLY A 131 -15.58 10.22 -18.56
N THR A 132 -14.40 10.77 -18.79
CA THR A 132 -13.15 10.02 -18.61
C THR A 132 -12.92 9.75 -17.11
N ILE A 133 -13.09 10.77 -16.27
CA ILE A 133 -13.02 10.62 -14.81
C ILE A 133 -13.99 9.53 -14.31
N GLN A 134 -15.23 9.54 -14.82
CA GLN A 134 -16.22 8.53 -14.44
C GLN A 134 -15.79 7.14 -14.88
N LEU A 135 -15.32 7.01 -16.12
CA LEU A 135 -14.86 5.72 -16.65
C LEU A 135 -13.72 5.10 -15.80
N ILE A 136 -12.71 5.91 -15.48
CA ILE A 136 -11.55 5.46 -14.71
C ILE A 136 -11.99 5.13 -13.29
N ASN A 137 -12.71 6.06 -12.64
CA ASN A 137 -13.13 5.85 -11.26
C ASN A 137 -14.10 4.70 -11.04
N ASP A 138 -14.96 4.47 -12.03
CA ASP A 138 -15.85 3.30 -12.00
C ASP A 138 -15.11 1.99 -12.12
N HIS A 139 -14.11 1.92 -13.01
CA HIS A 139 -13.29 0.72 -13.14
C HIS A 139 -12.58 0.41 -11.79
N VAL A 140 -11.96 1.42 -11.19
CA VAL A 140 -11.27 1.24 -9.91
C VAL A 140 -12.23 0.83 -8.78
N LYS A 141 -13.39 1.50 -8.72
CA LYS A 141 -14.43 1.17 -7.75
C LYS A 141 -14.89 -0.29 -7.88
N LYS A 142 -15.13 -0.73 -9.11
CA LYS A 142 -15.56 -2.11 -9.37
C LYS A 142 -14.48 -3.09 -8.91
N GLU A 143 -13.25 -2.82 -9.32
CA GLU A 143 -12.15 -3.72 -9.01
C GLU A 143 -11.83 -3.81 -7.52
N THR A 144 -12.15 -2.77 -6.77
CA THR A 144 -11.93 -2.76 -5.33
C THR A 144 -13.20 -3.06 -4.54
N ARG A 145 -14.19 -3.68 -5.20
CA ARG A 145 -15.49 -4.02 -4.56
C ARG A 145 -16.11 -2.87 -3.80
N GLY A 146 -16.08 -1.70 -4.44
CA GLY A 146 -16.69 -0.51 -3.88
C GLY A 146 -15.87 0.31 -2.92
N LYS A 147 -14.67 -0.16 -2.56
CA LYS A 147 -13.89 0.50 -1.52
C LYS A 147 -13.19 1.76 -1.95
N ILE A 148 -12.58 1.76 -3.13
CA ILE A 148 -11.88 2.95 -3.62
C ILE A 148 -12.78 3.69 -4.61
N VAL A 149 -13.30 4.79 -4.11
CA VAL A 149 -14.21 5.70 -4.80
C VAL A 149 -13.46 7.02 -5.13
N ASP A 150 -13.65 7.51 -6.34
CA ASP A 150 -13.12 8.80 -6.77
C ASP A 150 -11.57 8.87 -6.69
N LEU A 151 -10.90 7.80 -7.14
CA LEU A 151 -9.42 7.77 -7.18
C LEU A 151 -8.87 9.02 -7.87
N VAL A 152 -9.30 9.24 -9.11
CA VAL A 152 -8.89 10.40 -9.87
C VAL A 152 -9.85 11.56 -9.51
N SER A 153 -9.42 12.44 -8.60
CA SER A 153 -10.21 13.59 -8.16
C SER A 153 -10.00 14.84 -9.02
N GLU A 154 -9.05 14.80 -9.95
CA GLU A 154 -8.81 15.93 -10.86
C GLU A 154 -8.20 15.36 -12.14
N LEU A 155 -8.50 15.98 -13.29
CA LEU A 155 -7.95 15.53 -14.56
C LEU A 155 -7.82 16.72 -15.51
N LYS A 156 -6.56 17.08 -15.83
CA LYS A 156 -6.28 18.26 -16.66
C LYS A 156 -6.67 18.01 -18.11
N LYS A 157 -6.95 19.09 -18.85
CA LYS A 157 -7.53 18.96 -20.20
C LYS A 157 -6.57 18.36 -21.24
N ASP A 158 -5.26 18.56 -21.05
CA ASP A 158 -4.26 18.12 -22.05
C ASP A 158 -3.68 16.71 -21.78
N VAL A 159 -4.43 15.85 -21.07
CA VAL A 159 -3.96 14.50 -20.69
C VAL A 159 -4.23 13.53 -21.83
N LEU A 160 -3.24 12.67 -22.13
CA LEU A 160 -3.35 11.66 -23.18
C LEU A 160 -3.28 10.21 -22.68
N MET A 161 -2.93 10.02 -21.39
CA MET A 161 -2.93 8.69 -20.79
C MET A 161 -3.04 8.76 -19.26
N VAL A 162 -3.80 7.82 -18.70
CA VAL A 162 -3.84 7.61 -17.28
C VAL A 162 -3.54 6.14 -17.02
N LEU A 163 -2.49 5.91 -16.23
CA LEU A 163 -2.14 4.62 -15.74
C LEU A 163 -2.83 4.41 -14.39
N VAL A 164 -3.33 3.20 -14.15
N VAL A 164 -3.42 3.24 -14.16
CA VAL A 164 -3.96 2.86 -12.89
CA VAL A 164 -3.92 2.89 -12.83
C VAL A 164 -3.54 1.47 -12.45
C VAL A 164 -3.53 1.49 -12.45
N ASN A 165 -3.42 1.27 -11.15
CA ASN A 165 -3.42 -0.08 -10.62
C ASN A 165 -4.22 -0.15 -9.34
N TYR A 166 -4.56 -1.35 -8.94
CA TYR A 166 -5.35 -1.54 -7.75
C TYR A 166 -4.90 -2.82 -7.05
N ILE A 167 -5.22 -2.86 -5.76
CA ILE A 167 -5.06 -4.03 -4.94
C ILE A 167 -6.33 -4.18 -4.11
N TYR A 168 -6.82 -5.41 -4.03
CA TYR A 168 -7.94 -5.76 -3.19
C TYR A 168 -7.53 -6.97 -2.38
N PHE A 169 -7.71 -6.89 -1.06
CA PHE A 169 -7.31 -7.88 -0.09
C PHE A 169 -8.47 -8.12 0.88
N LYS A 170 -8.91 -9.37 0.98
CA LYS A 170 -9.94 -9.74 1.97
C LYS A 170 -9.55 -11.11 2.47
N ALA A 171 -9.35 -11.18 3.78
CA ALA A 171 -8.77 -12.35 4.40
C ALA A 171 -9.37 -12.57 5.75
N LEU A 172 -9.64 -13.85 6.02
CA LEU A 172 -10.17 -14.29 7.29
C LEU A 172 -9.06 -14.48 8.30
N TRP A 173 -9.35 -14.16 9.56
CA TRP A 173 -8.43 -14.46 10.64
C TRP A 173 -8.30 -15.98 10.78
N GLU A 174 -7.10 -16.46 11.05
CA GLU A 174 -6.96 -17.82 11.53
C GLU A 174 -7.71 -18.00 12.87
N LYS A 175 -7.68 -16.95 13.71
CA LYS A 175 -8.25 -16.96 15.06
C LYS A 175 -9.27 -15.81 15.20
N PRO A 176 -10.50 -16.03 14.70
CA PRO A 176 -11.48 -14.95 14.68
C PRO A 176 -12.06 -14.62 16.03
N PHE A 177 -12.74 -13.47 16.09
CA PHE A 177 -13.34 -13.01 17.31
C PHE A 177 -14.82 -13.47 17.30
N ILE A 178 -15.36 -13.64 18.49
CA ILE A 178 -16.79 -13.96 18.67
C ILE A 178 -17.54 -12.62 18.77
N SER A 179 -18.38 -12.33 17.79
CA SER A 179 -18.96 -11.00 17.66
C SER A 179 -19.91 -10.60 18.78
N SER A 180 -20.48 -11.59 19.48
CA SER A 180 -21.30 -11.31 20.68
C SER A 180 -20.47 -10.73 21.83
N ARG A 181 -19.16 -10.94 21.83
CA ARG A 181 -18.29 -10.33 22.86
C ARG A 181 -17.87 -8.88 22.54
N THR A 182 -18.17 -8.39 21.35
CA THR A 182 -17.79 -7.04 21.00
C THR A 182 -18.68 -6.02 21.70
N THR A 183 -18.07 -5.09 22.44
CA THR A 183 -18.79 -3.99 23.11
C THR A 183 -18.07 -2.64 22.96
N PRO A 184 -18.82 -1.53 23.10
CA PRO A 184 -18.13 -0.23 23.00
C PRO A 184 -17.15 -0.03 24.15
N LYS A 185 -15.96 0.49 23.85
CA LYS A 185 -14.96 0.80 24.86
C LYS A 185 -14.27 2.09 24.52
N ASP A 186 -13.59 2.65 25.52
CA ASP A 186 -12.83 3.86 25.34
C ASP A 186 -11.51 3.62 24.55
N PHE A 187 -11.19 4.56 23.69
CA PHE A 187 -9.96 4.55 22.91
C PHE A 187 -9.34 5.91 23.12
N TYR A 188 -8.15 5.91 23.66
CA TYR A 188 -7.46 7.12 24.09
C TYR A 188 -6.55 7.66 22.97
N VAL A 189 -7.09 8.60 22.20
CA VAL A 189 -6.43 9.18 21.03
C VAL A 189 -5.18 9.95 21.43
N ASP A 190 -5.31 10.79 22.45
CA ASP A 190 -4.17 11.47 23.07
C ASP A 190 -4.55 11.85 24.50
N GLU A 191 -3.72 12.64 25.18
CA GLU A 191 -3.95 13.06 26.59
C GLU A 191 -5.36 13.57 26.90
N ASN A 192 -5.92 14.33 25.96
CA ASN A 192 -7.17 15.07 26.14
C ASN A 192 -8.39 14.47 25.44
N THR A 193 -8.18 13.46 24.60
CA THR A 193 -9.19 13.07 23.62
C THR A 193 -9.46 11.58 23.70
N THR A 194 -10.72 11.24 23.89
CA THR A 194 -11.15 9.88 24.08
C THR A 194 -12.40 9.67 23.23
N VAL A 195 -12.41 8.58 22.46
CA VAL A 195 -13.52 8.24 21.58
C VAL A 195 -14.06 6.88 22.02
N ARG A 196 -15.22 6.51 21.50
CA ARG A 196 -15.85 5.22 21.81
C ARG A 196 -15.72 4.37 20.58
N VAL A 197 -15.30 3.13 20.72
CA VAL A 197 -15.16 2.24 19.59
C VAL A 197 -15.67 0.89 19.98
N PRO A 198 -16.26 0.16 19.02
CA PRO A 198 -16.54 -1.25 19.28
C PRO A 198 -15.22 -2.00 19.46
N MET A 199 -15.03 -2.60 20.63
CA MET A 199 -13.84 -3.31 20.97
C MET A 199 -14.12 -4.81 20.96
N MET A 200 -13.40 -5.54 20.11
CA MET A 200 -13.53 -6.98 19.98
C MET A 200 -12.71 -7.62 21.07
N LEU A 201 -13.10 -8.82 21.49
CA LEU A 201 -12.42 -9.51 22.57
C LEU A 201 -12.28 -10.99 22.26
N GLN A 202 -11.06 -11.52 22.38
CA GLN A 202 -10.87 -12.94 22.47
C GLN A 202 -9.83 -13.22 23.53
N ASP A 203 -10.06 -14.27 24.32
CA ASP A 203 -9.17 -14.63 25.41
C ASP A 203 -8.86 -16.13 25.58
N GLN A 204 -9.34 -16.98 24.68
CA GLN A 204 -9.15 -18.43 24.79
C GLN A 204 -7.99 -18.92 23.92
N GLU A 205 -7.47 -18.07 23.03
CA GLU A 205 -6.50 -18.52 22.02
C GLU A 205 -5.06 -18.20 22.37
N HIS A 206 -4.12 -19.01 21.89
CA HIS A 206 -2.70 -18.64 21.86
C HIS A 206 -2.49 -17.68 20.70
N HIS A 207 -1.59 -16.71 20.90
CA HIS A 207 -1.21 -15.75 19.88
C HIS A 207 0.28 -15.56 19.89
N TRP A 208 0.83 -15.07 18.77
CA TRP A 208 2.23 -14.72 18.62
C TRP A 208 2.38 -13.26 18.98
N TYR A 209 3.02 -13.01 20.13
CA TYR A 209 3.21 -11.63 20.59
C TYR A 209 4.40 -11.46 21.53
N LEU A 210 4.90 -10.24 21.62
CA LEU A 210 5.99 -9.92 22.52
C LEU A 210 5.87 -8.51 23.06
N HIS A 211 6.46 -8.32 24.24
CA HIS A 211 6.67 -7.00 24.81
C HIS A 211 8.15 -6.73 24.59
N ASP A 212 8.47 -5.69 23.82
CA ASP A 212 9.83 -5.51 23.34
C ASP A 212 10.66 -4.99 24.53
N ARG A 213 11.79 -5.64 24.77
CA ARG A 213 12.68 -5.25 25.88
C ARG A 213 13.59 -4.10 25.51
N TYR A 214 13.70 -3.81 24.20
CA TYR A 214 14.51 -2.73 23.69
C TYR A 214 13.75 -1.50 23.24
N LEU A 215 12.44 -1.58 23.13
CA LEU A 215 11.67 -0.46 22.60
C LEU A 215 10.39 -0.35 23.40
N PRO A 216 9.83 0.85 23.51
CA PRO A 216 8.60 1.05 24.22
C PRO A 216 7.36 0.60 23.42
N CYS A 217 7.26 -0.69 23.12
CA CYS A 217 6.09 -1.22 22.41
C CYS A 217 5.91 -2.70 22.64
N SER A 218 4.70 -3.19 22.35
CA SER A 218 4.45 -4.61 22.11
C SER A 218 4.11 -4.84 20.64
N VAL A 219 4.28 -6.09 20.20
CA VAL A 219 4.07 -6.48 18.82
C VAL A 219 3.24 -7.76 18.83
N LEU A 220 2.13 -7.73 18.11
CA LEU A 220 1.27 -8.90 17.92
C LEU A 220 1.29 -9.24 16.44
N ARG A 221 1.48 -10.51 16.10
CA ARG A 221 1.33 -10.94 14.71
C ARG A 221 0.11 -11.85 14.65
N MET A 222 -0.89 -11.47 13.86
CA MET A 222 -2.08 -12.30 13.64
C MET A 222 -2.01 -12.89 12.25
N ASP A 223 -2.20 -14.20 12.16
CA ASP A 223 -2.22 -14.84 10.85
C ASP A 223 -3.59 -14.79 10.22
N TYR A 224 -3.60 -14.69 8.91
CA TYR A 224 -4.80 -14.90 8.12
C TYR A 224 -4.81 -16.31 7.56
N LYS A 225 -5.98 -16.76 7.12
CA LYS A 225 -6.07 -17.99 6.35
C LYS A 225 -5.52 -17.66 4.97
N GLY A 226 -4.47 -18.34 4.55
CA GLY A 226 -3.72 -17.98 3.33
C GLY A 226 -2.34 -17.45 3.69
N ASP A 227 -1.62 -16.93 2.71
CA ASP A 227 -0.23 -16.59 2.90
C ASP A 227 -0.14 -15.08 3.18
N ALA A 228 -0.74 -14.65 4.27
CA ALA A 228 -0.65 -13.26 4.72
C ALA A 228 -0.71 -13.22 6.23
N THR A 229 -0.10 -12.19 6.79
CA THR A 229 -0.13 -11.91 8.22
CA THR A 229 -0.14 -11.93 8.20
C THR A 229 -0.27 -10.42 8.43
N VAL A 230 -0.55 -10.03 9.66
CA VAL A 230 -0.57 -8.64 10.00
C VAL A 230 0.17 -8.46 11.32
N PHE A 231 1.04 -7.45 11.37
CA PHE A 231 1.66 -7.03 12.60
C PHE A 231 0.92 -5.81 13.11
N PHE A 232 0.42 -5.92 14.33
CA PHE A 232 -0.15 -4.82 15.05
C PHE A 232 0.88 -4.40 16.09
N ILE A 233 1.41 -3.19 15.95
CA ILE A 233 2.47 -2.69 16.82
C ILE A 233 1.88 -1.61 17.72
N LEU A 234 2.01 -1.84 19.02
CA LEU A 234 1.33 -1.05 20.03
C LEU A 234 2.36 -0.32 20.88
N PRO A 235 2.59 0.95 20.55
CA PRO A 235 3.52 1.72 21.36
C PRO A 235 2.91 1.95 22.72
N ASN A 236 3.77 2.00 23.72
CA ASN A 236 3.39 2.51 25.04
C ASN A 236 2.77 3.91 24.88
N GLN A 237 1.93 4.26 25.84
CA GLN A 237 1.26 5.56 25.88
C GLN A 237 2.23 6.70 25.58
N GLY A 238 1.92 7.50 24.57
CA GLY A 238 2.76 8.64 24.19
C GLY A 238 4.05 8.32 23.45
N LYS A 239 4.27 7.07 23.06
CA LYS A 239 5.57 6.68 22.49
C LYS A 239 5.51 6.33 21.00
N MET A 240 4.43 6.75 20.32
CA MET A 240 4.28 6.46 18.91
C MET A 240 5.45 7.00 18.10
N ARG A 241 5.82 8.25 18.33
CA ARG A 241 6.91 8.82 17.51
C ARG A 241 8.23 8.08 17.68
N GLU A 242 8.53 7.60 18.89
CA GLU A 242 9.78 6.84 19.13
C GLU A 242 9.85 5.52 18.33
N ILE A 243 8.69 4.89 18.18
CA ILE A 243 8.63 3.67 17.37
C ILE A 243 8.72 4.01 15.89
N GLU A 244 8.06 5.09 15.47
CA GLU A 244 8.12 5.52 14.08
C GLU A 244 9.58 5.82 13.65
N GLU A 245 10.37 6.40 14.58
CA GLU A 245 11.80 6.67 14.32
C GLU A 245 12.64 5.45 14.00
N VAL A 246 12.21 4.25 14.43
CA VAL A 246 12.95 3.02 14.17
C VAL A 246 12.19 2.03 13.27
N LEU A 247 11.14 2.51 12.62
CA LEU A 247 10.28 1.63 11.84
C LEU A 247 10.88 1.44 10.46
N THR A 248 11.66 0.37 10.32
CA THR A 248 12.41 0.09 9.13
C THR A 248 12.17 -1.34 8.68
N PRO A 249 12.59 -1.71 7.44
CA PRO A 249 12.51 -3.12 7.07
C PRO A 249 13.27 -4.03 8.00
N GLU A 250 14.41 -3.55 8.50
CA GLU A 250 15.22 -4.32 9.41
C GLU A 250 14.51 -4.54 10.74
N MET A 251 13.80 -3.53 11.23
CA MET A 251 13.04 -3.70 12.47
C MET A 251 11.86 -4.69 12.29
N LEU A 252 11.15 -4.58 11.18
CA LEU A 252 10.08 -5.55 10.85
C LEU A 252 10.64 -6.97 10.84
N MET A 253 11.82 -7.19 10.23
N MET A 253 11.82 -7.16 10.20
CA MET A 253 12.39 -8.52 10.17
CA MET A 253 12.53 -8.45 10.13
C MET A 253 12.92 -8.98 11.53
C MET A 253 12.86 -8.96 11.53
N ARG A 254 13.35 -8.06 12.39
CA ARG A 254 13.68 -8.40 13.79
C ARG A 254 12.46 -8.92 14.54
N TRP A 255 11.36 -8.18 14.48
CA TRP A 255 10.13 -8.59 15.15
C TRP A 255 9.62 -9.91 14.58
N ASN A 256 9.64 -10.03 13.25
CA ASN A 256 9.17 -11.27 12.59
C ASN A 256 9.97 -12.48 13.10
N ASN A 257 11.30 -12.32 13.17
CA ASN A 257 12.20 -13.40 13.57
C ASN A 257 12.04 -13.77 15.03
N LEU A 258 11.85 -12.79 15.91
CA LEU A 258 11.51 -13.03 17.30
C LEU A 258 10.22 -13.83 17.39
N LEU A 259 9.23 -13.47 16.57
CA LEU A 259 7.95 -14.15 16.65
C LEU A 259 7.93 -15.47 15.85
N ARG A 260 9.08 -16.01 15.50
CA ARG A 260 9.17 -17.36 14.93
C ARG A 260 9.59 -18.40 15.98
N LYS A 261 9.76 -17.97 17.22
CA LYS A 261 10.16 -18.82 18.34
C LYS A 261 8.96 -19.04 19.23
N ARG A 262 8.60 -20.30 19.47
CA ARG A 262 7.36 -20.61 20.22
C ARG A 262 7.37 -20.15 21.67
N ASN A 263 8.51 -19.77 22.21
CA ASN A 263 8.55 -18.95 23.44
C ASN A 263 7.52 -17.79 23.42
N PHE A 264 7.26 -17.22 22.24
CA PHE A 264 6.30 -16.11 22.09
C PHE A 264 4.89 -16.49 21.61
N TYR A 265 4.59 -17.80 21.59
CA TYR A 265 3.25 -18.27 21.31
C TYR A 265 2.63 -18.63 22.65
N LYS A 266 1.77 -17.74 23.14
CA LYS A 266 1.21 -17.84 24.47
C LYS A 266 -0.25 -17.45 24.46
N LYS A 267 -0.98 -17.91 25.46
CA LYS A 267 -2.36 -17.50 25.65
C LYS A 267 -2.40 -15.97 25.79
N LEU A 268 -3.42 -15.36 25.19
CA LEU A 268 -3.51 -13.89 25.18
C LEU A 268 -4.94 -13.41 25.39
N GLU A 269 -5.13 -12.42 26.26
CA GLU A 269 -6.38 -11.65 26.30
C GLU A 269 -6.19 -10.46 25.37
N LEU A 270 -6.92 -10.47 24.26
CA LEU A 270 -6.74 -9.51 23.17
C LEU A 270 -7.98 -8.63 23.03
N HIS A 271 -7.79 -7.32 23.19
CA HIS A 271 -8.82 -6.33 22.90
C HIS A 271 -8.35 -5.57 21.68
N LEU A 272 -9.12 -5.66 20.61
CA LEU A 272 -8.76 -5.05 19.32
C LEU A 272 -10.00 -4.38 18.77
N PRO A 273 -9.90 -3.10 18.36
CA PRO A 273 -11.12 -2.49 17.85
C PRO A 273 -11.59 -3.01 16.50
N LYS A 274 -12.90 -3.01 16.32
CA LYS A 274 -13.55 -3.14 15.03
C LYS A 274 -13.61 -1.71 14.50
N PHE A 275 -13.06 -1.47 13.31
CA PHE A 275 -12.87 -0.11 12.83
C PHE A 275 -12.57 -0.04 11.34
N SER A 276 -12.69 1.17 10.83
CA SER A 276 -12.27 1.54 9.49
C SER A 276 -11.50 2.83 9.48
N ILE A 277 -10.41 2.86 8.70
CA ILE A 277 -9.71 4.10 8.37
C ILE A 277 -9.38 4.14 6.88
N SER A 278 -8.97 5.29 6.39
CA SER A 278 -8.56 5.41 5.02
C SER A 278 -7.45 6.41 4.88
N GLY A 279 -6.81 6.41 3.73
CA GLY A 279 -5.78 7.39 3.38
C GLY A 279 -6.01 7.88 1.98
N SER A 280 -5.63 9.14 1.76
CA SER A 280 -5.76 9.76 0.45
C SER A 280 -4.57 10.66 0.25
N TYR A 281 -3.79 10.41 -0.81
CA TYR A 281 -2.52 11.08 -1.02
C TYR A 281 -2.39 11.63 -2.45
N VAL A 282 -1.77 12.80 -2.55
CA VAL A 282 -1.40 13.40 -3.83
C VAL A 282 0.09 13.11 -4.09
N LEU A 283 0.36 12.04 -4.85
CA LEU A 283 1.73 11.56 -5.03
C LEU A 283 2.63 12.53 -5.77
N ASP A 284 2.05 13.26 -6.73
CA ASP A 284 2.82 14.32 -7.43
C ASP A 284 3.34 15.42 -6.48
N GLN A 285 2.71 15.58 -5.32
CA GLN A 285 3.18 16.52 -4.31
C GLN A 285 4.11 15.91 -3.28
N ILE A 286 4.08 14.59 -3.12
CA ILE A 286 4.86 13.92 -2.09
C ILE A 286 6.14 13.32 -2.66
N LEU A 287 6.03 12.58 -3.76
CA LEU A 287 7.16 11.82 -4.31
C LEU A 287 8.43 12.56 -4.72
N PRO A 288 8.36 13.86 -5.07
CA PRO A 288 9.62 14.59 -5.27
C PRO A 288 10.55 14.57 -4.06
N ARG A 289 9.98 14.45 -2.86
CA ARG A 289 10.78 14.32 -1.63
C ARG A 289 11.24 12.91 -1.28
N LEU A 290 10.93 11.92 -2.13
CA LEU A 290 11.37 10.54 -1.98
C LEU A 290 12.17 10.04 -3.18
N GLY A 291 12.84 10.95 -3.89
CA GLY A 291 13.67 10.60 -5.04
C GLY A 291 13.10 10.81 -6.44
N PHE A 292 11.90 11.37 -6.57
CA PHE A 292 11.22 11.44 -7.86
C PHE A 292 11.17 12.86 -8.47
N THR A 293 12.14 13.69 -8.13
CA THR A 293 12.21 15.04 -8.69
C THR A 293 12.25 15.03 -10.21
N ASP A 294 13.04 14.14 -10.80
CA ASP A 294 13.15 14.10 -12.24
C ASP A 294 11.80 13.86 -12.86
N LEU A 295 11.08 12.86 -12.34
CA LEU A 295 9.86 12.43 -12.98
C LEU A 295 8.82 13.54 -12.99
N PHE A 296 8.76 14.33 -11.94
CA PHE A 296 7.80 15.42 -11.86
C PHE A 296 8.37 16.76 -12.32
N SER A 297 9.46 16.74 -13.08
CA SER A 297 10.06 18.00 -13.57
C SER A 297 9.83 18.13 -15.07
N LYS A 298 10.18 19.31 -15.58
CA LYS A 298 10.15 19.60 -16.99
C LYS A 298 11.17 18.75 -17.76
N TRP A 299 12.05 18.05 -17.05
CA TRP A 299 13.15 17.32 -17.66
C TRP A 299 12.88 15.84 -17.87
N ALA A 300 11.72 15.38 -17.44
CA ALA A 300 11.39 13.94 -17.51
C ALA A 300 11.36 13.46 -18.95
N ASP A 301 11.99 12.32 -19.20
CA ASP A 301 12.02 11.73 -20.53
C ASP A 301 11.07 10.54 -20.54
N LEU A 302 9.85 10.78 -20.99
CA LEU A 302 8.85 9.77 -21.15
C LEU A 302 8.65 9.42 -22.63
N SER A 303 9.71 9.49 -23.41
CA SER A 303 9.60 9.29 -24.87
C SER A 303 9.51 7.82 -25.28
N GLY A 304 9.44 6.89 -24.31
CA GLY A 304 9.10 5.50 -24.59
C GLY A 304 7.61 5.23 -24.73
N ILE A 305 6.75 6.23 -24.49
CA ILE A 305 5.29 6.04 -24.55
C ILE A 305 4.71 6.37 -25.94
N THR A 306 5.23 7.43 -26.53
CA THR A 306 4.92 7.86 -27.90
C THR A 306 6.06 8.75 -28.41
N LYS A 307 6.29 8.77 -29.71
CA LYS A 307 7.20 9.76 -30.33
C LYS A 307 6.44 10.97 -30.89
N GLN A 308 5.11 10.93 -30.81
CA GLN A 308 4.24 11.93 -31.43
C GLN A 308 4.22 13.28 -30.69
N GLN A 309 4.25 13.25 -29.36
CA GLN A 309 4.27 14.45 -28.54
C GLN A 309 5.34 14.29 -27.45
N LYS A 310 5.80 15.43 -26.93
CA LYS A 310 6.70 15.45 -25.77
C LYS A 310 5.85 15.41 -24.53
N LEU A 311 5.99 14.33 -23.76
CA LEU A 311 5.09 14.06 -22.65
C LEU A 311 5.68 14.50 -21.31
N GLU A 312 4.78 14.81 -20.40
CA GLU A 312 5.13 15.24 -19.06
C GLU A 312 4.19 14.61 -18.02
N ALA A 313 4.67 14.43 -16.79
CA ALA A 313 3.83 13.98 -15.68
C ALA A 313 2.74 15.00 -15.38
N SER A 314 1.54 14.54 -15.03
CA SER A 314 0.47 15.40 -14.56
C SER A 314 0.13 14.92 -13.13
N LYS A 315 -1.13 14.73 -12.77
CA LYS A 315 -1.45 14.39 -11.38
C LYS A 315 -1.27 12.88 -11.14
N SER A 316 -0.92 12.55 -9.90
CA SER A 316 -0.85 11.14 -9.44
C SER A 316 -1.45 11.01 -8.03
N PHE A 317 -2.43 10.10 -7.89
CA PHE A 317 -3.17 9.93 -6.67
C PHE A 317 -3.02 8.50 -6.14
N HIS A 318 -3.12 8.39 -4.82
CA HIS A 318 -3.22 7.12 -4.12
C HIS A 318 -4.31 7.19 -3.07
N LYS A 319 -5.20 6.21 -3.07
CA LYS A 319 -6.19 6.07 -2.00
C LYS A 319 -6.23 4.65 -1.50
N ALA A 320 -6.54 4.53 -0.23
CA ALA A 320 -6.55 3.23 0.41
C ALA A 320 -7.54 3.18 1.57
N THR A 321 -8.09 1.99 1.83
CA THR A 321 -9.03 1.77 2.95
C THR A 321 -8.69 0.48 3.70
N LEU A 322 -8.94 0.53 5.01
CA LEU A 322 -8.78 -0.62 5.92
C LEU A 322 -10.05 -0.83 6.70
N ASP A 323 -10.52 -2.09 6.74
CA ASP A 323 -11.70 -2.51 7.51
CA ASP A 323 -11.71 -2.50 7.51
C ASP A 323 -11.36 -3.77 8.30
N VAL A 324 -11.37 -3.65 9.62
CA VAL A 324 -11.05 -4.73 10.53
C VAL A 324 -12.33 -5.07 11.32
N ASP A 325 -12.68 -6.35 11.32
CA ASP A 325 -13.81 -6.81 12.13
C ASP A 325 -13.53 -8.19 12.70
N GLU A 326 -14.57 -8.84 13.24
CA GLU A 326 -14.37 -10.08 13.96
C GLU A 326 -13.98 -11.25 13.08
N ALA A 327 -14.38 -11.22 11.81
CA ALA A 327 -14.12 -12.32 10.89
C ALA A 327 -12.73 -12.19 10.21
N GLY A 328 -12.30 -10.94 9.96
CA GLY A 328 -11.05 -10.71 9.21
C GLY A 328 -10.79 -9.27 8.90
N THR A 329 -9.97 -9.07 7.89
CA THR A 329 -9.59 -7.77 7.39
C THR A 329 -9.93 -7.63 5.92
N GLU A 330 -10.42 -6.46 5.54
CA GLU A 330 -10.54 -6.03 4.17
C GLU A 330 -9.70 -4.77 3.96
N ALA A 331 -8.82 -4.82 2.97
CA ALA A 331 -8.00 -3.64 2.62
C ALA A 331 -7.94 -3.49 1.11
N ALA A 332 -8.04 -2.25 0.65
CA ALA A 332 -8.04 -1.94 -0.75
C ALA A 332 -7.25 -0.67 -0.99
N ALA A 333 -6.68 -0.57 -2.18
CA ALA A 333 -5.97 0.62 -2.59
C ALA A 333 -5.86 0.71 -4.10
N ALA A 334 -5.60 1.92 -4.56
CA ALA A 334 -5.34 2.15 -5.96
C ALA A 334 -4.45 3.37 -6.16
N THR A 335 -3.71 3.37 -7.27
CA THR A 335 -2.79 4.43 -7.63
C THR A 335 -3.07 4.85 -9.08
N SER A 336 -3.09 6.16 -9.34
CA SER A 336 -3.19 6.66 -10.72
C SER A 336 -1.97 7.48 -11.08
N PHE A 337 -1.70 7.55 -12.38
CA PHE A 337 -0.67 8.45 -12.88
C PHE A 337 -1.09 8.97 -14.24
N ALA A 338 -1.29 10.29 -14.34
CA ALA A 338 -1.71 10.92 -15.57
C ALA A 338 -0.52 11.53 -16.30
N ILE A 339 -0.54 11.44 -17.64
CA ILE A 339 0.52 11.92 -18.50
C ILE A 339 -0.10 12.97 -19.44
N LYS A 340 0.52 14.15 -19.54
CA LYS A 340 0.01 15.21 -20.43
C LYS A 340 1.03 15.57 -21.53
N PHE A 341 0.57 16.39 -22.48
CA PHE A 341 1.43 16.97 -23.53
C PHE A 341 1.35 18.50 -23.52
N ARG B 7 0.63 -9.26 31.98
CA ARG B 7 1.68 -9.70 31.01
C ARG B 7 1.10 -10.48 29.79
N HIS B 8 -0.03 -11.18 29.98
CA HIS B 8 -0.70 -11.94 28.91
C HIS B 8 -1.94 -11.22 28.39
N ILE B 9 -1.83 -9.90 28.25
CA ILE B 9 -2.92 -9.06 27.80
C ILE B 9 -2.41 -7.97 26.83
N LEU B 10 -3.16 -7.69 25.78
CA LEU B 10 -2.92 -6.53 24.94
C LEU B 10 -4.22 -5.84 24.72
N ARG B 11 -4.21 -4.52 24.93
CA ARG B 11 -5.37 -3.67 24.69
C ARG B 11 -5.03 -2.63 23.68
N PHE B 12 -5.58 -2.77 22.48
CA PHE B 12 -5.39 -1.78 21.44
C PHE B 12 -6.40 -0.66 21.58
N ASN B 13 -6.19 0.15 22.62
CA ASN B 13 -7.06 1.26 22.98
C ASN B 13 -6.29 2.59 22.95
N ARG B 14 -5.22 2.64 22.19
CA ARG B 14 -4.44 3.85 21.98
C ARG B 14 -3.79 3.67 20.60
N PRO B 15 -3.23 4.72 20.02
CA PRO B 15 -2.74 4.61 18.64
C PRO B 15 -1.79 3.46 18.39
N PHE B 16 -1.96 2.80 17.24
CA PHE B 16 -1.15 1.65 16.92
C PHE B 16 -0.85 1.59 15.42
N LEU B 17 0.16 0.79 15.08
CA LEU B 17 0.58 0.63 13.69
C LEU B 17 0.10 -0.68 13.12
N VAL B 18 -0.07 -0.71 11.80
CA VAL B 18 -0.59 -1.87 11.10
C VAL B 18 0.32 -2.17 9.90
N VAL B 19 0.84 -3.40 9.83
CA VAL B 19 1.68 -3.86 8.70
C VAL B 19 1.05 -5.14 8.16
N ILE B 20 0.40 -5.07 7.00
CA ILE B 20 -0.14 -6.27 6.35
C ILE B 20 0.90 -6.78 5.36
N PHE B 21 1.27 -8.05 5.52
CA PHE B 21 2.45 -8.64 4.91
C PHE B 21 2.11 -9.93 4.18
N SER B 22 2.48 -10.04 2.90
CA SER B 22 2.38 -11.27 2.13
C SER B 22 3.56 -12.14 2.48
N THR B 23 3.32 -13.31 3.07
CA THR B 23 4.41 -14.19 3.41
C THR B 23 4.94 -14.96 2.20
N SER B 24 4.14 -15.20 1.17
CA SER B 24 4.63 -15.88 -0.04
C SER B 24 5.54 -14.97 -0.87
N THR B 25 5.30 -13.67 -0.88
CA THR B 25 6.12 -12.76 -1.65
C THR B 25 7.03 -11.87 -0.83
N GLN B 26 6.92 -11.94 0.50
CA GLN B 26 7.67 -11.08 1.41
C GLN B 26 7.46 -9.58 1.11
N SER B 27 6.22 -9.21 0.80
CA SER B 27 5.82 -7.85 0.47
C SER B 27 4.94 -7.23 1.54
N VAL B 28 5.22 -5.98 1.83
CA VAL B 28 4.32 -5.13 2.61
C VAL B 28 3.20 -4.71 1.66
N LEU B 29 2.02 -5.29 1.84
CA LEU B 29 0.85 -4.97 1.04
C LEU B 29 0.22 -3.66 1.46
N PHE B 30 0.18 -3.41 2.76
CA PHE B 30 -0.44 -2.21 3.31
C PHE B 30 0.28 -1.83 4.58
N LEU B 31 0.33 -0.53 4.84
CA LEU B 31 1.04 0.00 5.98
C LEU B 31 0.22 1.18 6.49
N GLY B 32 0.10 1.30 7.80
CA GLY B 32 -0.60 2.47 8.31
C GLY B 32 -0.57 2.60 9.81
N LYS B 33 -1.26 3.62 10.26
CA LYS B 33 -1.35 3.96 11.66
C LYS B 33 -2.79 4.36 11.97
N VAL B 34 -3.28 3.79 13.05
CA VAL B 34 -4.59 4.17 13.58
C VAL B 34 -4.38 5.12 14.76
N VAL B 35 -4.74 6.38 14.58
CA VAL B 35 -4.71 7.41 15.61
C VAL B 35 -6.10 7.56 16.24
N ASP B 36 -7.13 7.70 15.37
CA ASP B 36 -8.52 7.82 15.81
C ASP B 36 -9.38 6.91 14.93
N PRO B 37 -9.80 5.76 15.47
CA PRO B 37 -10.55 4.81 14.65
C PRO B 37 -11.99 5.18 14.32
N THR B 38 -12.47 6.33 14.83
CA THR B 38 -13.84 6.81 14.57
C THR B 38 -13.86 7.83 13.45
N LYS B 39 -12.74 7.98 12.74
CA LYS B 39 -12.73 8.75 11.50
C LYS B 39 -12.54 7.78 10.34
N PRO B 40 -13.60 7.58 9.51
CA PRO B 40 -13.51 6.65 8.38
C PRO B 40 -12.61 7.18 7.28
C1 EDO C . 8.08 10.28 12.99
O1 EDO C . 6.71 10.59 13.21
C2 EDO C . 8.92 11.40 13.59
O2 EDO C . 9.45 12.16 12.51
C1 EDO D . 17.28 -1.16 -0.27
O1 EDO D . 16.63 -0.18 -1.09
C2 EDO D . 17.53 -2.43 -1.08
O2 EDO D . 18.37 -2.13 -2.21
C1 EDO E . -7.23 11.19 12.67
O1 EDO E . -6.77 11.29 11.32
C2 EDO E . -7.39 12.60 13.24
O2 EDO E . -6.70 12.63 14.48
C1 EDO F . 13.98 5.72 10.05
O1 EDO F . 14.62 5.54 8.78
C2 EDO F . 12.56 5.14 10.03
O2 EDO F . 12.13 4.86 8.68
C1 EDO G . 1.93 14.51 3.70
O1 EDO G . 2.79 15.60 3.36
C2 EDO G . 0.62 14.65 2.94
O2 EDO G . -0.32 13.67 3.43
C1 EDO H . 12.42 -8.98 22.44
O1 EDO H . 12.85 -7.93 23.31
C2 EDO H . 12.64 -10.30 23.16
O2 EDO H . 11.73 -10.37 24.26
C1 GOL I . 10.96 -5.76 -20.85
O1 GOL I . 9.73 -6.27 -20.36
C2 GOL I . 11.82 -5.33 -19.67
O2 GOL I . 11.92 -6.40 -18.72
C3 GOL I . 13.20 -4.94 -20.18
O3 GOL I . 14.05 -4.60 -19.06
C1 GOL J . 9.17 -1.04 28.28
O1 GOL J . 7.87 -1.18 27.73
C2 GOL J . 10.21 -0.89 27.16
O2 GOL J . 11.17 -1.95 27.20
C3 GOL J . 10.92 0.46 27.25
O3 GOL J . 11.92 0.58 26.22
CL CL K . -4.06 15.29 -14.45
NA NA L . -1.97 -18.30 7.07
C1 EDO M . -4.10 3.08 28.38
O1 EDO M . -4.31 3.01 26.97
C2 EDO M . -5.15 2.30 29.15
O2 EDO M . -5.08 0.89 28.89
#